data_9M0O
#
_entry.id   9M0O
#
_cell.length_a   70.712
_cell.length_b   70.712
_cell.length_c   109.250
_cell.angle_alpha   90.000
_cell.angle_beta   90.000
_cell.angle_gamma   90.000
#
_symmetry.space_group_name_H-M   'P 43 21 2'
#
loop_
_entity.id
_entity.type
_entity.pdbx_description
1 polymer 'Ras-related protein Rab-8A'
2 polymer Optineurin
3 non-polymer 'MAGNESIUM ION'
4 non-polymer "GUANOSINE-5'-TRIPHOSPHATE"
5 non-polymer GLYCEROL
6 non-polymer 'ACETATE ION'
7 water water
#
loop_
_entity_poly.entity_id
_entity_poly.type
_entity_poly.pdbx_seq_one_letter_code
_entity_poly.pdbx_strand_id
1 'polypeptide(L)'
;MAKTYDYLFKLLLIGDSGVGKTCVLFRFSEDAFNSTFISTIGIDFKIRTIELDGKRIKLQIWDTAGLERFRTITTAYYRG
AMGIMLVYDITNEKSFDNIRNWIRNIEEHASADVEKMILGNKCDVNDKRQVSKERGEKLALDYGIKFMETSAKANINVEN
AFFTLARDIKAKMDKKHHHHHH
;
D
2 'polypeptide(L)' GPLQEKDQLRTQVVRLQAEKADLLGIVSELQLKLNS A
#
loop_
_chem_comp.id
_chem_comp.type
_chem_comp.name
_chem_comp.formula
ACT non-polymer 'ACETATE ION' 'C2 H3 O2 -1'
GOL non-polymer GLYCEROL 'C3 H8 O3'
GTP non-polymer GUANOSINE-5'-TRIPHOSPHATE 'C10 H16 N5 O14 P3'
MG non-polymer 'MAGNESIUM ION' 'Mg 2'
#
# COMPACT_ATOMS: atom_id res chain seq x y z
N ALA A 2 7.45 19.07 17.89
CA ALA A 2 6.00 18.95 17.86
C ALA A 2 5.58 17.67 17.16
N LYS A 3 4.41 17.16 17.55
CA LYS A 3 3.83 15.99 16.91
C LYS A 3 3.24 16.37 15.57
N THR A 4 3.58 15.62 14.52
CA THR A 4 3.34 16.08 13.17
C THR A 4 2.09 15.47 12.52
N TYR A 5 1.21 14.84 13.31
CA TYR A 5 0.03 14.19 12.73
C TYR A 5 -1.08 14.11 13.76
N ASP A 6 -2.30 13.98 13.26
CA ASP A 6 -3.49 13.83 14.09
C ASP A 6 -4.08 12.44 14.04
N TYR A 7 -3.88 11.72 12.93
CA TYR A 7 -4.24 10.32 12.80
C TYR A 7 -3.03 9.59 12.26
N LEU A 8 -2.94 8.29 12.58
CA LEU A 8 -1.89 7.42 12.07
C LEU A 8 -2.56 6.13 11.59
N PHE A 9 -2.48 5.87 10.28
CA PHE A 9 -3.11 4.72 9.66
C PHE A 9 -2.05 3.80 9.11
N LYS A 10 -2.09 2.54 9.49
CA LYS A 10 -1.17 1.53 8.98
C LYS A 10 -1.79 0.91 7.73
N LEU A 11 -1.10 1.04 6.60
CA LEU A 11 -1.55 0.49 5.32
C LEU A 11 -0.60 -0.62 4.87
N LEU A 12 -1.15 -1.59 4.14
CA LEU A 12 -0.45 -2.75 3.62
C LEU A 12 -0.76 -2.87 2.14
N LEU A 13 0.24 -3.22 1.34
CA LEU A 13 0.05 -3.57 -0.06
C LEU A 13 0.37 -5.06 -0.21
N ILE A 14 -0.58 -5.82 -0.76
CA ILE A 14 -0.38 -7.24 -1.01
C ILE A 14 -0.78 -7.56 -2.45
N GLY A 15 -0.31 -8.72 -2.93
CA GLY A 15 -0.58 -9.19 -4.28
C GLY A 15 0.60 -9.91 -4.86
N ASP A 16 0.43 -10.60 -6.00
CA ASP A 16 1.50 -11.42 -6.57
C ASP A 16 2.77 -10.61 -6.83
N SER A 17 3.90 -11.30 -6.86
CA SER A 17 5.15 -10.66 -7.24
C SER A 17 5.05 -10.11 -8.67
N GLY A 18 5.59 -8.90 -8.86
CA GLY A 18 5.67 -8.32 -10.17
C GLY A 18 4.47 -7.47 -10.57
N VAL A 19 3.41 -7.41 -9.75
CA VAL A 19 2.20 -6.66 -10.14
C VAL A 19 2.36 -5.16 -10.03
N GLY A 20 3.38 -4.67 -9.35
CA GLY A 20 3.62 -3.25 -9.21
C GLY A 20 3.35 -2.63 -7.83
N LYS A 21 3.31 -3.42 -6.76
CA LYS A 21 3.08 -2.88 -5.43
C LYS A 21 4.13 -1.83 -5.06
N THR A 22 5.41 -2.15 -5.26
CA THR A 22 6.46 -1.20 -4.90
C THR A 22 6.43 0.04 -5.78
N CYS A 23 6.17 -0.14 -7.07
CA CYS A 23 6.09 0.99 -7.99
C CYS A 23 4.89 1.87 -7.66
N VAL A 24 3.76 1.26 -7.30
CA VAL A 24 2.61 2.07 -6.88
C VAL A 24 2.97 2.91 -5.66
N LEU A 25 3.61 2.29 -4.67
CA LEU A 25 4.00 3.04 -3.47
C LEU A 25 5.07 4.09 -3.80
N PHE A 26 6.01 3.75 -4.69
CA PHE A 26 7.07 4.68 -5.06
C PHE A 26 6.47 5.93 -5.73
N ARG A 27 5.44 5.73 -6.55
CA ARG A 27 4.75 6.87 -7.15
C ARG A 27 4.05 7.70 -6.07
N PHE A 28 3.38 7.04 -5.14
CA PHE A 28 2.63 7.75 -4.11
C PHE A 28 3.56 8.50 -3.15
N SER A 29 4.62 7.84 -2.69
CA SER A 29 5.45 8.43 -1.63
C SER A 29 6.55 9.35 -2.15
N GLU A 30 6.95 9.23 -3.42
CA GLU A 30 8.02 10.08 -3.93
C GLU A 30 7.80 10.56 -5.36
N ASP A 31 6.63 10.30 -5.96
CA ASP A 31 6.29 10.84 -7.28
C ASP A 31 7.34 10.45 -8.33
N ALA A 32 7.69 9.16 -8.35
CA ALA A 32 8.71 8.68 -9.27
C ALA A 32 8.36 7.28 -9.74
N PHE A 33 8.94 6.88 -10.87
CA PHE A 33 8.74 5.54 -11.40
C PHE A 33 10.07 4.99 -11.92
N ASN A 34 10.27 3.70 -11.71
CA ASN A 34 11.48 3.00 -12.15
C ASN A 34 11.07 1.74 -12.89
N SER A 35 11.55 1.57 -14.11
CA SER A 35 11.16 0.40 -14.91
C SER A 35 11.91 -0.88 -14.51
N THR A 36 13.02 -0.77 -13.78
CA THR A 36 13.88 -1.92 -13.51
C THR A 36 13.35 -2.69 -12.29
N PHE A 37 12.97 -3.95 -12.51
CA PHE A 37 12.38 -4.77 -11.45
C PHE A 37 13.41 -5.11 -10.38
N ILE A 38 13.12 -4.71 -9.14
CA ILE A 38 13.87 -5.13 -7.96
C ILE A 38 12.84 -5.72 -7.01
N SER A 39 12.73 -7.05 -7.02
CA SER A 39 11.74 -7.72 -6.17
C SER A 39 12.02 -7.43 -4.69
N THR A 40 10.96 -7.20 -3.95
CA THR A 40 11.07 -6.80 -2.55
C THR A 40 11.51 -7.98 -1.69
N ILE A 41 12.51 -7.77 -0.82
CA ILE A 41 13.01 -8.82 0.05
C ILE A 41 12.19 -8.77 1.34
N GLY A 42 11.11 -9.54 1.36
CA GLY A 42 10.26 -9.60 2.54
C GLY A 42 9.31 -8.43 2.65
N ILE A 43 9.83 -7.24 2.94
CA ILE A 43 8.98 -6.11 3.32
C ILE A 43 9.75 -4.82 3.01
N ASP A 44 9.01 -3.77 2.66
CA ASP A 44 9.57 -2.43 2.56
C ASP A 44 8.59 -1.48 3.24
N PHE A 45 9.00 -0.23 3.42
CA PHE A 45 8.29 0.69 4.32
C PHE A 45 8.45 2.12 3.81
N LYS A 46 7.33 2.85 3.71
CA LYS A 46 7.33 4.26 3.31
C LYS A 46 6.30 5.00 4.15
N ILE A 47 6.52 6.31 4.32
CA ILE A 47 5.63 7.18 5.07
C ILE A 47 5.16 8.30 4.14
N ARG A 48 3.90 8.68 4.26
CA ARG A 48 3.47 9.95 3.70
C ARG A 48 2.34 10.46 4.57
N THR A 49 2.37 11.77 4.84
CA THR A 49 1.33 12.42 5.63
C THR A 49 0.46 13.25 4.70
N ILE A 50 -0.84 12.96 4.69
CA ILE A 50 -1.76 13.72 3.84
C ILE A 50 -2.70 14.51 4.73
N GLU A 51 -3.57 15.33 4.11
CA GLU A 51 -4.58 16.08 4.84
C GLU A 51 -5.97 15.60 4.42
N LEU A 52 -6.84 15.43 5.42
CA LEU A 52 -8.25 15.07 5.21
C LEU A 52 -9.07 15.81 6.26
N ASP A 53 -10.09 16.53 5.82
CA ASP A 53 -10.95 17.26 6.75
C ASP A 53 -10.15 18.22 7.61
N GLY A 54 -9.10 18.81 7.04
CA GLY A 54 -8.25 19.70 7.80
C GLY A 54 -7.31 19.03 8.77
N LYS A 55 -7.25 17.70 8.78
CA LYS A 55 -6.47 16.96 9.74
C LYS A 55 -5.26 16.33 9.04
N ARG A 56 -4.18 16.17 9.80
CA ARG A 56 -2.96 15.57 9.27
C ARG A 56 -3.04 14.05 9.47
N ILE A 57 -2.96 13.31 8.38
CA ILE A 57 -3.10 11.86 8.41
C ILE A 57 -1.77 11.26 8.04
N LYS A 58 -1.06 10.68 9.02
CA LYS A 58 0.19 9.99 8.76
C LYS A 58 -0.08 8.57 8.28
N LEU A 59 0.42 8.24 7.08
CA LEU A 59 0.23 6.90 6.52
C LEU A 59 1.54 6.15 6.65
N GLN A 60 1.55 5.10 7.46
CA GLN A 60 2.69 4.19 7.56
C GLN A 60 2.34 3.00 6.66
N ILE A 61 3.07 2.88 5.56
CA ILE A 61 2.65 1.98 4.48
C ILE A 61 3.68 0.86 4.37
N TRP A 62 3.21 -0.37 4.48
CA TRP A 62 4.05 -1.54 4.46
C TRP A 62 3.85 -2.28 3.13
N ASP A 63 4.93 -2.44 2.40
CA ASP A 63 4.93 -2.97 1.05
C ASP A 63 5.42 -4.41 1.16
N THR A 64 4.51 -5.38 1.10
CA THR A 64 4.93 -6.76 1.29
C THR A 64 5.50 -7.35 0.01
N ALA A 65 6.35 -8.36 0.16
CA ALA A 65 6.80 -9.15 -0.98
C ALA A 65 5.68 -10.10 -1.40
N GLY A 66 5.53 -10.30 -2.70
CA GLY A 66 4.47 -11.16 -3.19
C GLY A 66 4.82 -12.64 -3.28
N LEU A 67 6.10 -13.01 -3.31
CA LEU A 67 6.48 -14.40 -3.49
C LEU A 67 6.09 -15.23 -2.27
N GLU A 68 5.67 -16.47 -2.53
CA GLU A 68 5.24 -17.37 -1.46
C GLU A 68 6.36 -17.65 -0.46
N ARG A 69 7.63 -17.59 -0.90
CA ARG A 69 8.73 -17.85 0.03
C ARG A 69 8.71 -16.89 1.21
N PHE A 70 8.12 -15.70 1.04
CA PHE A 70 8.07 -14.70 2.09
C PHE A 70 6.76 -14.73 2.88
N ARG A 71 5.95 -15.77 2.73
CA ARG A 71 4.65 -15.83 3.40
C ARG A 71 4.77 -15.63 4.90
N THR A 72 5.68 -16.37 5.55
CA THR A 72 5.80 -16.28 7.01
C THR A 72 6.07 -14.84 7.45
N ILE A 73 7.04 -14.18 6.81
CA ILE A 73 7.37 -12.80 7.19
C ILE A 73 6.20 -11.87 6.93
N THR A 74 5.64 -11.89 5.71
CA THR A 74 4.63 -10.87 5.38
C THR A 74 3.33 -11.07 6.15
N THR A 75 2.95 -12.32 6.43
CA THR A 75 1.70 -12.57 7.13
C THR A 75 1.66 -11.87 8.50
N ALA A 76 2.82 -11.78 9.17
CA ALA A 76 2.88 -11.15 10.48
C ALA A 76 2.59 -9.64 10.46
N TYR A 77 2.59 -9.00 9.29
CA TYR A 77 2.23 -7.59 9.17
C TYR A 77 0.72 -7.34 9.03
N TYR A 78 -0.07 -8.38 8.81
CA TYR A 78 -1.51 -8.17 8.59
C TYR A 78 -2.19 -7.68 9.85
N ARG A 79 -1.78 -8.20 11.01
CA ARG A 79 -2.48 -7.96 12.27
C ARG A 79 -2.77 -6.48 12.51
N GLY A 80 -1.76 -5.63 12.43
CA GLY A 80 -2.13 -4.25 12.77
C GLY A 80 -2.77 -3.42 11.66
N ALA A 81 -2.91 -3.94 10.44
CA ALA A 81 -3.27 -3.11 9.31
C ALA A 81 -4.68 -2.54 9.43
N MET A 82 -4.83 -1.27 9.06
CA MET A 82 -6.16 -0.68 9.02
C MET A 82 -6.72 -0.54 7.60
N GLY A 83 -5.87 -0.56 6.60
CA GLY A 83 -6.28 -0.57 5.21
C GLY A 83 -5.31 -1.45 4.42
N ILE A 84 -5.83 -2.21 3.47
CA ILE A 84 -5.02 -3.10 2.64
C ILE A 84 -5.38 -2.87 1.17
N MET A 85 -4.38 -2.56 0.35
CA MET A 85 -4.47 -2.60 -1.12
C MET A 85 -4.17 -4.01 -1.60
N LEU A 86 -5.11 -4.60 -2.33
CA LEU A 86 -4.93 -5.86 -3.03
C LEU A 86 -4.63 -5.53 -4.48
N VAL A 87 -3.41 -5.85 -4.95
CA VAL A 87 -2.95 -5.40 -6.26
C VAL A 87 -2.83 -6.59 -7.20
N TYR A 88 -3.39 -6.46 -8.41
CA TYR A 88 -3.08 -7.37 -9.51
C TYR A 88 -2.62 -6.56 -10.73
N ASP A 89 -2.25 -7.28 -11.76
CA ASP A 89 -1.65 -6.72 -12.97
C ASP A 89 -2.62 -6.99 -14.10
N ILE A 90 -3.11 -5.92 -14.74
CA ILE A 90 -4.14 -6.11 -15.77
C ILE A 90 -3.58 -6.85 -16.98
N THR A 91 -2.26 -6.92 -17.11
CA THR A 91 -1.64 -7.72 -18.16
C THR A 91 -1.34 -9.14 -17.72
N ASN A 92 -1.76 -9.55 -16.52
CA ASN A 92 -1.42 -10.88 -15.99
C ASN A 92 -2.67 -11.47 -15.35
N GLU A 93 -3.39 -12.30 -16.11
CA GLU A 93 -4.65 -12.87 -15.62
C GLU A 93 -4.43 -13.72 -14.39
N LYS A 94 -3.28 -14.40 -14.28
CA LYS A 94 -3.00 -15.19 -13.09
C LYS A 94 -2.99 -14.34 -11.83
N SER A 95 -2.40 -13.14 -11.91
CA SER A 95 -2.36 -12.29 -10.72
C SER A 95 -3.77 -11.87 -10.32
N PHE A 96 -4.68 -11.77 -11.29
CA PHE A 96 -6.06 -11.43 -11.02
C PHE A 96 -6.81 -12.58 -10.38
N ASP A 97 -6.64 -13.78 -10.95
CA ASP A 97 -7.21 -15.00 -10.37
C ASP A 97 -6.82 -15.14 -8.90
N ASN A 98 -5.58 -14.79 -8.57
CA ASN A 98 -5.09 -14.99 -7.19
C ASN A 98 -5.64 -13.97 -6.21
N ILE A 99 -6.32 -12.92 -6.67
CA ILE A 99 -6.89 -11.95 -5.73
C ILE A 99 -7.83 -12.64 -4.74
N ARG A 100 -8.59 -13.64 -5.19
CA ARG A 100 -9.46 -14.37 -4.28
C ARG A 100 -8.67 -15.03 -3.15
N ASN A 101 -7.49 -15.57 -3.48
CA ASN A 101 -6.65 -16.17 -2.44
C ASN A 101 -6.04 -15.13 -1.52
N TRP A 102 -5.70 -13.95 -2.05
CA TRP A 102 -5.23 -12.88 -1.17
C TRP A 102 -6.34 -12.40 -0.24
N ILE A 103 -7.59 -12.35 -0.72
CA ILE A 103 -8.68 -11.97 0.18
C ILE A 103 -8.80 -12.97 1.32
N ARG A 104 -8.71 -14.27 1.01
CA ARG A 104 -8.75 -15.29 2.06
C ARG A 104 -7.60 -15.11 3.04
N ASN A 105 -6.41 -14.74 2.55
CA ASN A 105 -5.27 -14.46 3.42
C ASN A 105 -5.57 -13.29 4.37
N ILE A 106 -6.18 -12.22 3.84
CA ILE A 106 -6.63 -11.12 4.70
C ILE A 106 -7.59 -11.62 5.77
N GLU A 107 -8.60 -12.39 5.37
CA GLU A 107 -9.63 -12.79 6.31
C GLU A 107 -9.10 -13.75 7.37
N GLU A 108 -8.02 -14.47 7.07
CA GLU A 108 -7.43 -15.37 8.06
C GLU A 108 -6.54 -14.63 9.05
N HIS A 109 -5.92 -13.52 8.65
CA HIS A 109 -4.84 -12.92 9.42
C HIS A 109 -5.05 -11.46 9.82
N ALA A 110 -5.92 -10.72 9.14
CA ALA A 110 -6.14 -9.32 9.47
C ALA A 110 -7.40 -9.16 10.34
N SER A 111 -7.60 -7.94 10.83
CA SER A 111 -8.84 -7.61 11.54
C SER A 111 -10.05 -7.80 10.65
N ALA A 112 -11.16 -8.23 11.26
CA ALA A 112 -12.37 -8.46 10.49
C ALA A 112 -12.86 -7.18 9.79
N ASP A 113 -12.66 -6.01 10.39
CA ASP A 113 -13.20 -4.78 9.83
C ASP A 113 -12.16 -3.95 9.07
N VAL A 114 -11.03 -4.56 8.69
CA VAL A 114 -10.03 -3.82 7.94
C VAL A 114 -10.62 -3.29 6.63
N GLU A 115 -10.21 -2.07 6.25
CA GLU A 115 -10.63 -1.50 4.99
C GLU A 115 -9.84 -2.11 3.86
N LYS A 116 -10.50 -2.34 2.73
CA LYS A 116 -9.88 -3.08 1.64
C LYS A 116 -10.12 -2.34 0.33
N MET A 117 -9.20 -2.51 -0.62
CA MET A 117 -9.36 -1.94 -1.95
C MET A 117 -8.57 -2.76 -2.95
N ILE A 118 -9.16 -3.01 -4.12
CA ILE A 118 -8.51 -3.77 -5.18
C ILE A 118 -8.01 -2.79 -6.24
N LEU A 119 -6.75 -2.95 -6.64
CA LEU A 119 -6.14 -2.13 -7.67
C LEU A 119 -5.76 -3.02 -8.84
N GLY A 120 -6.30 -2.74 -10.02
CA GLY A 120 -5.81 -3.33 -11.24
C GLY A 120 -4.74 -2.44 -11.85
N ASN A 121 -3.47 -2.78 -11.60
CA ASN A 121 -2.35 -1.92 -11.96
C ASN A 121 -1.84 -2.22 -13.37
N LYS A 122 -1.03 -1.29 -13.88
CA LYS A 122 -0.43 -1.32 -15.22
C LYS A 122 -1.47 -1.07 -16.30
N CYS A 123 -2.48 -0.25 -15.99
CA CYS A 123 -3.53 0.02 -16.97
C CYS A 123 -3.03 0.86 -18.14
N ASP A 124 -1.82 1.42 -18.05
CA ASP A 124 -1.21 2.07 -19.20
C ASP A 124 -0.76 1.08 -20.28
N VAL A 125 -0.59 -0.20 -19.94
CA VAL A 125 -0.13 -1.18 -20.92
C VAL A 125 -1.33 -1.77 -21.66
N ASN A 126 -1.99 -0.92 -22.46
CA ASN A 126 -3.24 -1.33 -23.09
C ASN A 126 -3.03 -2.50 -24.04
N ASP A 127 -1.90 -2.52 -24.74
CA ASP A 127 -1.63 -3.51 -25.77
C ASP A 127 -1.42 -4.91 -25.21
N LYS A 128 -1.24 -5.08 -23.90
CA LYS A 128 -1.02 -6.39 -23.30
C LYS A 128 -2.06 -6.74 -22.24
N ARG A 129 -3.16 -6.01 -22.18
CA ARG A 129 -4.20 -6.27 -21.18
C ARG A 129 -4.73 -7.69 -21.33
N GLN A 130 -4.79 -8.42 -20.22
CA GLN A 130 -5.39 -9.74 -20.18
C GLN A 130 -6.68 -9.80 -19.35
N VAL A 131 -6.96 -8.78 -18.54
CA VAL A 131 -8.14 -8.74 -17.67
C VAL A 131 -8.88 -7.45 -17.99
N SER A 132 -10.11 -7.57 -18.49
CA SER A 132 -10.90 -6.39 -18.78
C SER A 132 -11.20 -5.62 -17.49
N LYS A 133 -11.46 -4.32 -17.64
CA LYS A 133 -11.86 -3.52 -16.50
C LYS A 133 -13.18 -4.03 -15.93
N GLU A 134 -14.08 -4.48 -16.81
CA GLU A 134 -15.37 -5.05 -16.40
C GLU A 134 -15.18 -6.25 -15.47
N ARG A 135 -14.24 -7.14 -15.78
CA ARG A 135 -14.04 -8.30 -14.92
C ARG A 135 -13.50 -7.88 -13.55
N GLY A 136 -12.61 -6.88 -13.53
CA GLY A 136 -12.11 -6.38 -12.26
C GLY A 136 -13.21 -5.76 -11.41
N GLU A 137 -14.09 -4.98 -12.05
CA GLU A 137 -15.24 -4.41 -11.34
C GLU A 137 -16.14 -5.51 -10.79
N LYS A 138 -16.34 -6.58 -11.54
CA LYS A 138 -17.26 -7.64 -11.12
C LYS A 138 -16.70 -8.43 -9.94
N LEU A 139 -15.40 -8.74 -9.98
CA LEU A 139 -14.77 -9.41 -8.84
C LEU A 139 -14.92 -8.56 -7.59
N ALA A 140 -14.59 -7.27 -7.69
CA ALA A 140 -14.73 -6.39 -6.55
C ALA A 140 -16.16 -6.34 -6.05
N LEU A 141 -17.12 -6.21 -6.99
CA LEU A 141 -18.52 -6.22 -6.62
C LEU A 141 -18.92 -7.50 -5.89
N ASP A 142 -18.39 -8.66 -6.34
CA ASP A 142 -18.72 -9.93 -5.71
C ASP A 142 -18.31 -9.95 -4.24
N TYR A 143 -17.27 -9.20 -3.89
CA TYR A 143 -16.72 -9.16 -2.54
C TYR A 143 -17.12 -7.90 -1.78
N GLY A 144 -17.86 -6.99 -2.40
CA GLY A 144 -18.21 -5.76 -1.71
C GLY A 144 -17.03 -4.87 -1.42
N ILE A 145 -15.99 -4.90 -2.26
CA ILE A 145 -14.73 -4.17 -2.07
C ILE A 145 -14.59 -3.11 -3.16
N LYS A 146 -14.10 -1.93 -2.79
CA LYS A 146 -13.89 -0.89 -3.79
C LYS A 146 -12.78 -1.28 -4.78
N PHE A 147 -12.85 -0.70 -5.98
CA PHE A 147 -11.99 -1.09 -7.08
C PHE A 147 -11.63 0.12 -7.91
N MET A 148 -10.41 0.11 -8.41
CA MET A 148 -9.83 1.16 -9.23
C MET A 148 -8.74 0.51 -10.09
N GLU A 149 -8.64 0.92 -11.35
CA GLU A 149 -7.44 0.58 -12.13
C GLU A 149 -6.40 1.70 -11.96
N THR A 150 -5.12 1.31 -11.93
CA THR A 150 -4.06 2.27 -11.65
C THR A 150 -2.93 2.13 -12.66
N SER A 151 -2.10 3.17 -12.72
CA SER A 151 -0.80 3.12 -13.40
C SER A 151 0.20 3.88 -12.54
N ALA A 152 1.14 3.15 -11.93
CA ALA A 152 2.26 3.82 -11.28
C ALA A 152 3.08 4.60 -12.30
N LYS A 153 3.24 4.03 -13.50
CA LYS A 153 4.11 4.64 -14.50
C LYS A 153 3.54 5.97 -15.00
N ALA A 154 2.24 5.98 -15.34
CA ALA A 154 1.61 7.18 -15.87
C ALA A 154 0.90 7.99 -14.79
N ASN A 155 0.98 7.57 -13.54
CA ASN A 155 0.41 8.30 -12.40
C ASN A 155 -1.11 8.47 -12.55
N ILE A 156 -1.80 7.34 -12.69
CA ILE A 156 -3.26 7.31 -12.86
C ILE A 156 -3.85 6.63 -11.64
N ASN A 157 -4.71 7.36 -10.93
CA ASN A 157 -5.49 6.86 -9.81
C ASN A 157 -4.64 6.44 -8.62
N VAL A 158 -3.33 6.70 -8.63
CA VAL A 158 -2.51 6.35 -7.45
C VAL A 158 -2.90 7.22 -6.28
N GLU A 159 -2.92 8.54 -6.48
CA GLU A 159 -3.41 9.45 -5.44
C GLU A 159 -4.83 9.09 -5.02
N ASN A 160 -5.70 8.88 -6.00
CA ASN A 160 -7.11 8.58 -5.71
C ASN A 160 -7.22 7.34 -4.83
N ALA A 161 -6.45 6.29 -5.15
CA ALA A 161 -6.54 5.04 -4.40
C ALA A 161 -6.22 5.23 -2.93
N PHE A 162 -5.07 5.83 -2.64
CA PHE A 162 -4.66 5.99 -1.24
C PHE A 162 -5.57 6.98 -0.51
N PHE A 163 -5.91 8.10 -1.14
CA PHE A 163 -6.79 9.05 -0.49
C PHE A 163 -8.16 8.43 -0.20
N THR A 164 -8.66 7.60 -1.11
CA THR A 164 -9.96 6.97 -0.90
C THR A 164 -9.91 5.98 0.26
N LEU A 165 -8.89 5.10 0.28
CA LEU A 165 -8.74 4.16 1.37
C LEU A 165 -8.54 4.87 2.70
N ALA A 166 -7.75 5.95 2.71
CA ALA A 166 -7.56 6.68 3.95
C ALA A 166 -8.85 7.36 4.39
N ARG A 167 -9.64 7.87 3.45
CA ARG A 167 -10.92 8.49 3.77
C ARG A 167 -11.88 7.48 4.39
N ASP A 168 -11.86 6.24 3.88
CA ASP A 168 -12.73 5.21 4.43
C ASP A 168 -12.33 4.81 5.84
N ILE A 169 -11.03 4.73 6.11
CA ILE A 169 -10.58 4.45 7.47
C ILE A 169 -10.98 5.59 8.40
N LYS A 170 -10.76 6.83 7.96
CA LYS A 170 -11.08 7.96 8.82
C LYS A 170 -12.58 8.04 9.10
N ALA A 171 -13.40 7.79 8.08
CA ALA A 171 -14.84 7.84 8.26
C ALA A 171 -15.29 6.81 9.31
N LYS A 172 -14.76 5.60 9.22
CA LYS A 172 -15.08 4.57 10.20
C LYS A 172 -14.64 4.98 11.60
N MET A 173 -13.42 5.49 11.72
CA MET A 173 -12.89 5.87 13.02
C MET A 173 -13.69 7.01 13.63
N ASP A 174 -14.06 7.98 12.81
CA ASP A 174 -14.86 9.10 13.31
C ASP A 174 -16.24 8.64 13.77
N LYS A 175 -16.82 7.64 13.10
CA LYS A 175 -18.11 7.11 13.55
C LYS A 175 -17.98 6.34 14.85
N LYS A 176 -16.82 5.69 15.08
CA LYS A 176 -16.58 4.98 16.32
C LYS A 176 -16.43 5.95 17.49
N HIS A 177 -15.95 7.16 17.22
CA HIS A 177 -15.84 8.17 18.27
C HIS A 177 -17.22 8.68 18.67
N HIS A 178 -18.05 8.99 17.69
CA HIS A 178 -19.42 9.46 17.95
C HIS A 178 -20.41 8.30 18.01
N GLY B 1 20.85 17.82 -13.53
CA GLY B 1 21.59 18.88 -12.87
C GLY B 1 22.17 18.49 -11.52
N PRO B 2 23.31 19.12 -11.13
CA PRO B 2 23.93 18.80 -9.84
C PRO B 2 23.21 19.38 -8.63
N LEU B 3 22.59 20.57 -8.78
CA LEU B 3 21.79 21.11 -7.68
C LEU B 3 20.46 20.38 -7.56
N GLN B 4 19.84 20.02 -8.69
CA GLN B 4 18.67 19.16 -8.64
C GLN B 4 19.02 17.79 -8.10
N GLU B 5 20.22 17.31 -8.39
CA GLU B 5 20.70 16.09 -7.75
C GLU B 5 20.95 16.31 -6.27
N LYS B 6 21.45 17.49 -5.90
CA LYS B 6 21.71 17.79 -4.50
C LYS B 6 20.42 17.88 -3.69
N ASP B 7 19.42 18.59 -4.23
CA ASP B 7 18.15 18.74 -3.50
C ASP B 7 17.41 17.42 -3.39
N GLN B 8 17.50 16.58 -4.43
CA GLN B 8 16.85 15.27 -4.38
C GLN B 8 17.54 14.35 -3.39
N LEU B 9 18.86 14.48 -3.24
CA LEU B 9 19.55 13.70 -2.23
C LEU B 9 19.27 14.24 -0.83
N ARG B 10 19.16 15.56 -0.68
CA ARG B 10 18.79 16.15 0.60
C ARG B 10 17.39 15.69 1.02
N THR B 11 16.44 15.68 0.08
CA THR B 11 15.08 15.22 0.39
C THR B 11 15.04 13.72 0.68
N GLN B 12 15.90 12.95 0.01
CA GLN B 12 16.00 11.52 0.31
C GLN B 12 16.43 11.30 1.76
N VAL B 13 17.49 11.98 2.17
CA VAL B 13 18.02 11.83 3.52
C VAL B 13 16.92 12.12 4.55
N VAL B 14 16.23 13.26 4.39
CA VAL B 14 15.11 13.59 5.28
C VAL B 14 14.10 12.45 5.35
N ARG B 15 13.73 11.89 4.20
CA ARG B 15 12.72 10.84 4.22
C ARG B 15 13.24 9.59 4.90
N LEU B 16 14.49 9.19 4.61
CA LEU B 16 15.07 8.02 5.25
C LEU B 16 15.24 8.25 6.75
N GLN B 17 15.68 9.44 7.15
CA GLN B 17 15.74 9.75 8.59
C GLN B 17 14.37 9.65 9.24
N ALA B 18 13.31 10.04 8.52
CA ALA B 18 11.97 9.93 9.09
C ALA B 18 11.55 8.47 9.20
N GLU B 19 11.89 7.65 8.20
CA GLU B 19 11.50 6.23 8.27
C GLU B 19 12.27 5.53 9.39
N LYS B 20 13.55 5.82 9.51
CA LYS B 20 14.39 5.26 10.57
C LYS B 20 13.82 5.58 11.95
N ALA B 21 13.46 6.85 12.18
CA ALA B 21 12.84 7.25 13.43
C ALA B 21 11.60 6.43 13.75
N ASP B 22 10.71 6.23 12.76
CA ASP B 22 9.53 5.41 13.01
C ASP B 22 9.89 3.96 13.27
N LEU B 23 10.83 3.40 12.50
CA LEU B 23 11.18 2.00 12.70
C LEU B 23 11.80 1.78 14.07
N LEU B 24 12.64 2.71 14.52
CA LEU B 24 13.24 2.60 15.85
C LEU B 24 12.17 2.59 16.94
N GLY B 25 11.12 3.42 16.79
CA GLY B 25 10.03 3.38 17.74
C GLY B 25 9.29 2.06 17.69
N ILE B 26 9.09 1.54 16.48
CA ILE B 26 8.44 0.25 16.32
C ILE B 26 9.27 -0.86 16.95
N VAL B 27 10.59 -0.84 16.77
CA VAL B 27 11.44 -1.85 17.41
C VAL B 27 11.29 -1.76 18.93
N SER B 28 11.36 -0.55 19.49
CA SER B 28 11.31 -0.43 20.94
C SER B 28 9.99 -0.95 21.49
N GLU B 29 8.89 -0.71 20.78
CA GLU B 29 7.59 -1.16 21.26
C GLU B 29 7.45 -2.67 21.17
N LEU B 30 7.89 -3.27 20.07
CA LEU B 30 7.82 -4.73 19.93
C LEU B 30 8.66 -5.43 21.01
N GLN B 31 9.84 -4.88 21.32
CA GLN B 31 10.66 -5.46 22.38
C GLN B 31 9.97 -5.38 23.73
N LEU B 32 9.18 -4.33 23.96
CA LEU B 32 8.47 -4.19 25.23
C LEU B 32 7.28 -5.14 25.29
N LYS B 33 6.58 -5.35 24.18
CA LYS B 33 5.53 -6.36 24.17
C LYS B 33 6.10 -7.76 24.37
N LEU B 34 7.36 -7.98 24.00
CA LEU B 34 7.96 -9.30 24.15
C LEU B 34 8.39 -9.57 25.59
N ASN B 35 8.97 -8.58 26.26
CA ASN B 35 9.42 -8.75 27.64
C ASN B 35 8.27 -8.99 28.61
N SER B 36 7.02 -8.83 28.17
CA SER B 36 5.86 -9.15 28.98
C SER B 36 5.84 -10.65 29.33
MG MG C . 8.00 -4.95 -4.39
PG GTP D . 7.36 -7.99 -5.52
O1G GTP D . 6.18 -8.47 -4.71
O2G GTP D . 8.16 -7.00 -4.73
O3G GTP D . 8.27 -9.08 -6.01
O3B GTP D . 6.79 -7.26 -6.86
PB GTP D . 6.05 -5.83 -6.91
O1B GTP D . 6.49 -4.86 -5.85
O2B GTP D . 4.58 -6.06 -6.84
O3A GTP D . 6.44 -5.28 -8.37
PA GTP D . 7.14 -3.87 -8.71
O1A GTP D . 8.61 -4.02 -8.34
O2A GTP D . 6.48 -2.70 -8.04
O5' GTP D . 6.98 -3.83 -10.30
C5' GTP D . 7.19 -4.95 -11.12
C4' GTP D . 7.57 -4.45 -12.51
O4' GTP D . 6.41 -3.91 -13.13
C3' GTP D . 8.61 -3.34 -12.48
O3' GTP D . 9.57 -3.61 -13.47
C2' GTP D . 7.88 -2.10 -12.93
O2' GTP D . 8.67 -1.34 -13.80
C1' GTP D . 6.67 -2.64 -13.67
N9 GTP D . 5.52 -1.79 -13.35
C8 GTP D . 4.99 -1.56 -12.10
N7 GTP D . 3.93 -0.73 -12.25
C5 GTP D . 3.79 -0.45 -13.57
C6 GTP D . 2.89 0.35 -14.28
O6 GTP D . 2.00 0.96 -13.71
N1 GTP D . 3.01 0.44 -15.64
C2 GTP D . 4.01 -0.23 -16.31
N2 GTP D . 4.10 -0.12 -17.62
N3 GTP D . 4.91 -1.02 -15.61
C4 GTP D . 4.79 -1.12 -14.26
C1 GOL E . 3.75 -1.03 13.30
O1 GOL E . 3.17 -0.53 14.48
C2 GOL E . 3.61 -2.57 13.23
O2 GOL E . 4.32 -3.21 14.26
C3 GOL E . 4.13 -2.99 11.81
O3 GOL E . 3.51 -4.22 11.46
C1 GOL F . -2.14 -15.83 -3.04
O1 GOL F . -2.25 -16.62 -4.21
C2 GOL F . -2.11 -16.79 -1.83
O2 GOL F . -0.96 -17.53 -1.78
C3 GOL F . -2.24 -15.91 -0.57
O3 GOL F . -2.37 -16.82 0.47
C ACT G . -7.61 13.47 -4.14
O ACT G . -8.73 14.04 -4.01
OXT ACT G . -7.35 12.31 -4.59
CH3 ACT G . -6.37 14.30 -3.69
C1 GOL H . 14.55 -2.09 0.21
O1 GOL H . 14.20 -1.21 1.28
C2 GOL H . 13.56 -3.31 0.26
O2 GOL H . 13.39 -3.83 1.56
C3 GOL H . 14.19 -4.37 -0.70
O3 GOL H . 13.35 -5.48 -0.68
#